data_3ECH
#
_entry.id   3ECH
#
_cell.length_a   52.201
_cell.length_b   57.151
_cell.length_c   91.931
_cell.angle_alpha   90.00
_cell.angle_beta   90.00
_cell.angle_gamma   90.00
#
_symmetry.space_group_name_H-M   'P 21 21 21'
#
loop_
_entity.id
_entity.type
_entity.pdbx_description
1 polymer 'Multidrug resistance operon repressor'
2 polymer '25-mer fragment of protein ArmR'
3 water water
#
loop_
_entity_poly.entity_id
_entity_poly.type
_entity_poly.pdbx_seq_one_letter_code
_entity_poly.pdbx_strand_id
1 'polypeptide(L)'
;MNYPVNPDLMPALMAVFQHVRTRIQSELDCQRLDLTPPDVHVLKLIDEQRGLNLQDLGRQMCRDKALITRKIRELEGRNL
VRRERNPSDQRSFQLFLTDEGLAIHLHAELIMSRVHDELFAPLTPVEQATLVHLLDQCLAAQ
;
A,B
2 'polypeptide(L)' RRDYTEQLRRAARRNAWDLYGEHFY C
#
# COMPACT_ATOMS: atom_id res chain seq x y z
N MET A 1 8.39 25.95 -8.40
CA MET A 1 8.99 26.52 -7.16
C MET A 1 9.03 25.47 -6.07
N ASN A 2 10.17 25.33 -5.42
CA ASN A 2 10.39 24.32 -4.39
C ASN A 2 10.61 25.01 -3.03
N TYR A 3 9.83 24.60 -2.03
CA TYR A 3 9.91 25.16 -0.69
C TYR A 3 10.53 24.15 0.26
N PRO A 4 10.97 24.61 1.46
CA PRO A 4 11.44 23.62 2.44
C PRO A 4 10.29 22.70 2.87
N VAL A 5 10.60 21.45 3.20
CA VAL A 5 9.53 20.48 3.41
C VAL A 5 9.22 20.22 4.88
N ASN A 6 7.94 20.37 5.22
CA ASN A 6 7.46 20.20 6.57
C ASN A 6 7.68 18.74 6.98
N PRO A 7 8.44 18.52 8.08
CA PRO A 7 8.78 17.16 8.46
C PRO A 7 7.61 16.31 9.01
N ASP A 8 6.45 16.91 9.29
CA ASP A 8 5.24 16.20 9.72
CA ASP A 8 5.37 15.97 9.70
C ASP A 8 4.42 15.60 8.58
N LEU A 9 4.72 16.03 7.35
CA LEU A 9 3.88 15.63 6.19
C LEU A 9 4.01 14.16 5.84
N MET A 10 5.23 13.66 5.73
CA MET A 10 5.38 12.23 5.34
C MET A 10 4.73 11.33 6.40
N PRO A 11 5.05 11.55 7.70
CA PRO A 11 4.36 10.74 8.72
C PRO A 11 2.84 10.86 8.71
N ALA A 12 2.31 12.06 8.46
CA ALA A 12 0.86 12.26 8.43
C ALA A 12 0.19 11.46 7.32
N LEU A 13 0.80 11.47 6.14
CA LEU A 13 0.35 10.71 5.00
C LEU A 13 0.47 9.21 5.23
N MET A 14 1.62 8.74 5.72
CA MET A 14 1.83 7.33 6.08
C MET A 14 0.79 6.83 7.11
N ALA A 15 0.50 7.65 8.12
CA ALA A 15 -0.47 7.30 9.16
C ALA A 15 -1.89 7.08 8.58
N VAL A 16 -2.27 7.96 7.68
CA VAL A 16 -3.54 7.81 6.99
C VAL A 16 -3.56 6.49 6.22
N PHE A 17 -2.54 6.24 5.42
CA PHE A 17 -2.48 4.99 4.69
C PHE A 17 -2.63 3.75 5.60
N GLN A 18 -1.85 3.73 6.67
CA GLN A 18 -1.82 2.59 7.59
C GLN A 18 -3.17 2.42 8.28
N HIS A 19 -3.80 3.54 8.64
CA HIS A 19 -5.13 3.53 9.23
CA HIS A 19 -5.14 3.53 9.23
C HIS A 19 -6.15 2.88 8.28
N VAL A 20 -6.16 3.35 7.05
CA VAL A 20 -7.10 2.83 6.06
C VAL A 20 -6.86 1.35 5.78
N ARG A 21 -5.59 0.96 5.64
CA ARG A 21 -5.26 -0.44 5.36
C ARG A 21 -5.81 -1.36 6.49
N THR A 22 -5.57 -0.95 7.73
CA THR A 22 -6.04 -1.64 8.91
C THR A 22 -7.53 -1.72 9.00
N ARG A 23 -8.22 -0.61 8.73
CA ARG A 23 -9.68 -0.57 8.79
C ARG A 23 -10.35 -1.44 7.71
N ILE A 24 -9.80 -1.43 6.51
CA ILE A 24 -10.35 -2.28 5.41
C ILE A 24 -10.25 -3.74 5.86
N GLN A 25 -9.09 -4.14 6.34
CA GLN A 25 -8.96 -5.55 6.74
C GLN A 25 -9.89 -5.90 7.88
N SER A 26 -10.00 -5.02 8.87
CA SER A 26 -10.90 -5.20 9.98
C SER A 26 -12.37 -5.39 9.54
N GLU A 27 -12.80 -4.58 8.57
CA GLU A 27 -14.17 -4.65 8.05
C GLU A 27 -14.40 -5.90 7.20
N LEU A 28 -13.44 -6.26 6.34
CA LEU A 28 -13.50 -7.56 5.65
C LEU A 28 -13.63 -8.72 6.63
N ASP A 29 -12.88 -8.68 7.73
CA ASP A 29 -12.99 -9.75 8.73
C ASP A 29 -14.30 -9.66 9.52
N CYS A 30 -14.76 -8.45 9.77
CA CYS A 30 -16.02 -8.24 10.51
CA CYS A 30 -15.99 -8.26 10.52
C CYS A 30 -17.19 -8.85 9.78
N GLN A 31 -17.16 -8.77 8.46
CA GLN A 31 -18.20 -9.37 7.63
C GLN A 31 -17.94 -10.83 7.28
N ARG A 32 -16.92 -11.42 7.90
CA ARG A 32 -16.51 -12.81 7.66
C ARG A 32 -16.33 -13.13 6.19
N LEU A 33 -15.74 -12.18 5.46
CA LEU A 33 -15.49 -12.39 4.05
C LEU A 33 -14.27 -13.27 3.80
N ASP A 34 -13.36 -13.36 4.77
CA ASP A 34 -12.15 -14.18 4.61
C ASP A 34 -11.35 -13.80 3.36
N LEU A 35 -11.15 -12.50 3.17
CA LEU A 35 -10.36 -11.98 2.07
C LEU A 35 -9.36 -10.96 2.58
N THR A 36 -8.26 -10.85 1.87
CA THR A 36 -7.26 -9.82 2.07
C THR A 36 -7.23 -8.95 0.81
N PRO A 37 -6.71 -7.72 0.90
CA PRO A 37 -6.76 -6.87 -0.28
C PRO A 37 -6.18 -7.50 -1.57
N PRO A 38 -5.06 -8.24 -1.51
CA PRO A 38 -4.63 -8.91 -2.76
C PRO A 38 -5.65 -9.90 -3.37
N ASP A 39 -6.39 -10.58 -2.51
CA ASP A 39 -7.44 -11.44 -2.99
C ASP A 39 -8.49 -10.61 -3.75
N VAL A 40 -8.90 -9.48 -3.18
CA VAL A 40 -9.94 -8.65 -3.83
C VAL A 40 -9.44 -8.10 -5.16
N HIS A 41 -8.17 -7.74 -5.19
CA HIS A 41 -7.54 -7.30 -6.45
C HIS A 41 -7.68 -8.35 -7.55
N VAL A 42 -7.44 -9.62 -7.24
CA VAL A 42 -7.64 -10.72 -8.21
C VAL A 42 -9.11 -10.78 -8.67
N LEU A 43 -10.05 -10.80 -7.71
CA LEU A 43 -11.46 -10.83 -8.03
C LEU A 43 -11.89 -9.65 -8.89
N LYS A 44 -11.40 -8.45 -8.56
CA LYS A 44 -11.72 -7.24 -9.33
C LYS A 44 -11.24 -7.36 -10.79
N LEU A 45 -10.02 -7.84 -10.99
CA LEU A 45 -9.53 -8.00 -12.39
C LEU A 45 -10.33 -9.01 -13.17
N ILE A 46 -10.68 -10.13 -12.52
CA ILE A 46 -11.50 -11.13 -13.17
C ILE A 46 -12.90 -10.59 -13.49
N ASP A 47 -13.46 -9.77 -12.59
CA ASP A 47 -14.75 -9.15 -12.83
C ASP A 47 -14.65 -8.24 -14.07
N GLU A 48 -13.67 -7.35 -14.08
CA GLU A 48 -13.54 -6.27 -15.08
C GLU A 48 -13.13 -6.78 -16.46
N GLN A 49 -12.36 -7.87 -16.47
CA GLN A 49 -11.78 -8.49 -17.67
C GLN A 49 -12.25 -9.94 -17.83
N ARG A 50 -13.50 -10.14 -17.47
CA ARG A 50 -14.17 -11.43 -17.55
C ARG A 50 -13.73 -12.23 -18.78
N GLY A 51 -13.21 -13.43 -18.52
CA GLY A 51 -12.80 -14.34 -19.58
C GLY A 51 -11.31 -14.31 -19.84
N LEU A 52 -10.57 -13.44 -19.15
CA LEU A 52 -9.13 -13.37 -19.39
C LEU A 52 -8.46 -14.69 -18.97
N ASN A 53 -7.32 -14.98 -19.56
CA ASN A 53 -6.63 -16.22 -19.24
C ASN A 53 -5.74 -16.11 -17.99
N LEU A 54 -5.36 -17.27 -17.50
CA LEU A 54 -4.66 -17.37 -16.22
C LEU A 54 -3.28 -16.71 -16.30
N GLN A 55 -2.59 -16.91 -17.43
CA GLN A 55 -1.27 -16.32 -17.63
C GLN A 55 -1.36 -14.80 -17.63
N ASP A 56 -2.39 -14.28 -18.29
CA ASP A 56 -2.62 -12.85 -18.43
C ASP A 56 -2.87 -12.24 -17.02
N LEU A 57 -3.80 -12.85 -16.28
CA LEU A 57 -4.06 -12.42 -14.91
C LEU A 57 -2.78 -12.42 -14.08
N GLY A 58 -1.98 -13.48 -14.22
CA GLY A 58 -0.75 -13.61 -13.48
C GLY A 58 0.23 -12.48 -13.74
N ARG A 59 0.38 -12.13 -15.00
CA ARG A 59 1.22 -10.99 -15.36
C ARG A 59 0.73 -9.69 -14.77
N GLN A 60 -0.58 -9.45 -14.85
CA GLN A 60 -1.16 -8.20 -14.33
C GLN A 60 -1.08 -8.08 -12.82
N MET A 61 -1.09 -9.21 -12.13
CA MET A 61 -0.92 -9.18 -10.67
C MET A 61 0.50 -8.78 -10.27
N CYS A 62 1.47 -9.01 -11.16
CA CYS A 62 2.87 -8.58 -10.97
C CYS A 62 3.52 -9.28 -9.74
N ALA A 66 3.67 -19.12 -9.98
CA ALA A 66 3.30 -20.12 -8.99
C ALA A 66 2.34 -19.56 -7.93
N LEU A 67 2.69 -18.42 -7.34
CA LEU A 67 2.04 -17.89 -6.12
C LEU A 67 0.66 -17.27 -6.40
N ILE A 68 0.48 -16.70 -7.58
CA ILE A 68 -0.84 -16.24 -7.99
C ILE A 68 -1.68 -17.45 -8.42
N THR A 69 -1.06 -18.46 -9.04
CA THR A 69 -1.78 -19.70 -9.36
C THR A 69 -2.29 -20.36 -8.07
N ARG A 70 -1.51 -20.28 -6.99
CA ARG A 70 -1.96 -20.72 -5.66
C ARG A 70 -3.22 -19.98 -5.19
N LYS A 71 -3.16 -18.65 -5.29
CA LYS A 71 -4.27 -17.80 -4.87
C LYS A 71 -5.46 -18.00 -5.76
N ILE A 72 -5.24 -18.06 -7.08
CA ILE A 72 -6.35 -18.37 -7.96
C ILE A 72 -6.96 -19.70 -7.58
N ARG A 73 -6.14 -20.67 -7.21
CA ARG A 73 -6.68 -21.98 -6.86
C ARG A 73 -7.50 -21.90 -5.57
N GLU A 74 -7.02 -21.12 -4.61
CA GLU A 74 -7.72 -20.90 -3.35
C GLU A 74 -9.11 -20.29 -3.58
N LEU A 75 -9.14 -19.24 -4.40
CA LEU A 75 -10.40 -18.58 -4.78
C LEU A 75 -11.33 -19.55 -5.56
N GLU A 76 -10.75 -20.40 -6.39
CA GLU A 76 -11.50 -21.49 -7.06
C GLU A 76 -12.09 -22.51 -6.06
N GLY A 77 -11.28 -22.98 -5.12
CA GLY A 77 -11.75 -23.91 -4.07
C GLY A 77 -12.90 -23.38 -3.22
N ARG A 78 -12.98 -22.05 -3.11
CA ARG A 78 -14.10 -21.39 -2.44
C ARG A 78 -15.28 -21.12 -3.35
N ASN A 79 -15.21 -21.63 -4.57
CA ASN A 79 -16.19 -21.34 -5.61
C ASN A 79 -16.48 -19.85 -5.85
N LEU A 80 -15.43 -19.04 -5.80
CA LEU A 80 -15.53 -17.63 -6.14
C LEU A 80 -15.12 -17.38 -7.58
N VAL A 81 -14.29 -18.25 -8.13
CA VAL A 81 -13.78 -18.11 -9.49
C VAL A 81 -14.07 -19.41 -10.20
N ARG A 82 -14.48 -19.34 -11.47
CA ARG A 82 -14.59 -20.54 -12.28
C ARG A 82 -13.75 -20.46 -13.52
N ARG A 83 -13.41 -21.63 -14.05
CA ARG A 83 -12.78 -21.76 -15.37
C ARG A 83 -13.75 -22.28 -16.42
N GLN A 94 -9.62 -19.65 -19.53
CA GLN A 94 -10.49 -18.47 -19.20
C GLN A 94 -11.16 -18.43 -17.84
N LEU A 95 -11.11 -17.27 -17.19
CA LEU A 95 -11.54 -17.10 -15.82
C LEU A 95 -12.73 -16.16 -15.69
N PHE A 96 -13.67 -16.54 -14.81
CA PHE A 96 -14.92 -15.84 -14.58
C PHE A 96 -15.24 -15.88 -13.09
N LEU A 97 -15.87 -14.84 -12.59
CA LEU A 97 -16.42 -14.87 -11.24
C LEU A 97 -17.72 -15.68 -11.27
N THR A 98 -17.87 -16.50 -10.25
CA THR A 98 -19.13 -17.17 -10.03
C THR A 98 -20.11 -16.17 -9.44
N ASP A 99 -21.34 -16.62 -9.21
CA ASP A 99 -22.31 -15.75 -8.57
C ASP A 99 -21.80 -15.37 -7.18
N GLU A 100 -21.23 -16.33 -6.47
CA GLU A 100 -20.68 -16.10 -5.14
C GLU A 100 -19.51 -15.13 -5.19
N GLY A 101 -18.67 -15.28 -6.21
CA GLY A 101 -17.53 -14.39 -6.38
C GLY A 101 -17.96 -12.97 -6.70
N LEU A 102 -18.97 -12.84 -7.53
CA LEU A 102 -19.46 -11.50 -7.86
CA LEU A 102 -19.52 -11.52 -7.87
C LEU A 102 -19.98 -10.83 -6.60
N ALA A 103 -20.76 -11.56 -5.81
CA ALA A 103 -21.35 -10.99 -4.59
C ALA A 103 -20.26 -10.55 -3.60
N ILE A 104 -19.23 -11.37 -3.42
CA ILE A 104 -18.23 -11.06 -2.42
C ILE A 104 -17.37 -9.89 -2.90
N HIS A 105 -17.15 -9.80 -4.21
CA HIS A 105 -16.41 -8.66 -4.75
C HIS A 105 -17.20 -7.36 -4.55
N LEU A 106 -18.48 -7.40 -4.86
CA LEU A 106 -19.35 -6.26 -4.63
C LEU A 106 -19.37 -5.83 -3.16
N HIS A 107 -19.37 -6.79 -2.25
CA HIS A 107 -19.41 -6.49 -0.83
C HIS A 107 -18.06 -5.87 -0.37
N ALA A 108 -16.95 -6.42 -0.82
CA ALA A 108 -15.64 -5.82 -0.60
C ALA A 108 -15.57 -4.35 -1.10
N GLU A 109 -16.10 -4.07 -2.29
CA GLU A 109 -16.10 -2.71 -2.83
C GLU A 109 -16.91 -1.78 -1.97
N LEU A 110 -18.05 -2.26 -1.48
CA LEU A 110 -18.87 -1.48 -0.53
CA LEU A 110 -18.86 -1.47 -0.57
C LEU A 110 -18.04 -1.11 0.70
N ILE A 111 -17.28 -2.07 1.19
CA ILE A 111 -16.43 -1.88 2.38
C ILE A 111 -15.30 -0.85 2.10
N MET A 112 -14.64 -0.98 0.98
CA MET A 112 -13.62 0.00 0.57
C MET A 112 -14.19 1.43 0.50
N SER A 113 -15.34 1.59 -0.14
CA SER A 113 -15.98 2.89 -0.23
CA SER A 113 -15.96 2.89 -0.22
C SER A 113 -16.33 3.44 1.15
N ARG A 114 -16.96 2.61 2.00
CA ARG A 114 -17.37 3.03 3.34
C ARG A 114 -16.20 3.46 4.24
N VAL A 115 -15.12 2.72 4.19
CA VAL A 115 -13.96 3.04 5.03
C VAL A 115 -13.42 4.41 4.64
N HIS A 116 -13.40 4.71 3.36
CA HIS A 116 -12.93 6.01 2.89
C HIS A 116 -13.92 7.13 3.26
N ASP A 117 -15.21 6.87 3.14
CA ASP A 117 -16.21 7.80 3.66
C ASP A 117 -15.98 8.10 5.15
N GLU A 118 -15.75 7.06 5.94
CA GLU A 118 -15.53 7.21 7.36
C GLU A 118 -14.24 7.99 7.63
N LEU A 119 -13.23 7.79 6.78
CA LEU A 119 -11.96 8.55 6.89
C LEU A 119 -12.18 10.04 6.75
N PHE A 120 -12.95 10.44 5.74
CA PHE A 120 -13.09 11.85 5.40
C PHE A 120 -14.23 12.53 6.17
N ALA A 121 -15.04 11.73 6.86
CA ALA A 121 -16.19 12.24 7.64
C ALA A 121 -15.89 13.39 8.58
N PRO A 122 -14.72 13.38 9.25
CA PRO A 122 -14.49 14.49 10.17
C PRO A 122 -14.25 15.86 9.54
N LEU A 123 -14.13 15.90 8.23
CA LEU A 123 -13.83 17.11 7.51
C LEU A 123 -15.13 17.73 7.00
N THR A 124 -15.22 19.05 7.10
CA THR A 124 -16.36 19.75 6.53
C THR A 124 -16.26 19.78 5.02
N PRO A 125 -17.36 20.12 4.32
CA PRO A 125 -17.27 20.22 2.87
C PRO A 125 -16.15 21.12 2.36
N VAL A 126 -15.94 22.26 2.99
CA VAL A 126 -14.81 23.12 2.58
C VAL A 126 -13.45 22.48 2.86
N GLU A 127 -13.31 21.83 4.01
CA GLU A 127 -12.07 21.11 4.32
C GLU A 127 -11.83 20.01 3.30
N GLN A 128 -12.90 19.30 2.96
CA GLN A 128 -12.79 18.25 1.94
C GLN A 128 -12.29 18.79 0.61
N ALA A 129 -12.89 19.89 0.16
CA ALA A 129 -12.49 20.53 -1.10
C ALA A 129 -11.06 21.07 -1.03
N THR A 130 -10.67 21.60 0.12
CA THR A 130 -9.30 22.08 0.29
C THR A 130 -8.30 20.91 0.16
N LEU A 131 -8.62 19.80 0.82
CA LEU A 131 -7.75 18.63 0.77
C LEU A 131 -7.63 18.09 -0.67
N VAL A 132 -8.74 18.00 -1.40
CA VAL A 132 -8.69 17.64 -2.84
C VAL A 132 -7.73 18.50 -3.61
N HIS A 133 -7.82 19.81 -3.38
CA HIS A 133 -7.00 20.77 -4.09
C HIS A 133 -5.51 20.61 -3.79
N LEU A 134 -5.17 20.46 -2.51
CA LEU A 134 -3.75 20.36 -2.12
C LEU A 134 -3.13 19.05 -2.64
N LEU A 135 -3.89 17.95 -2.55
CA LEU A 135 -3.42 16.68 -3.13
C LEU A 135 -3.20 16.74 -4.63
N ASP A 136 -4.08 17.44 -5.33
CA ASP A 136 -3.96 17.69 -6.75
C ASP A 136 -2.73 18.54 -7.06
N GLN A 137 -2.54 19.59 -6.26
CA GLN A 137 -1.45 20.52 -6.52
C GLN A 137 -0.11 19.81 -6.39
N CYS A 138 0.03 18.96 -5.36
CA CYS A 138 1.23 18.11 -5.17
C CYS A 138 1.54 17.31 -6.44
N LEU A 139 0.53 16.62 -6.93
CA LEU A 139 0.71 15.72 -8.05
C LEU A 139 1.00 16.45 -9.37
N ALA A 140 0.30 17.55 -9.62
CA ALA A 140 0.41 18.29 -10.87
C ALA A 140 1.82 18.86 -11.13
N ALA A 141 2.57 19.07 -10.06
CA ALA A 141 3.92 19.63 -10.15
C ALA A 141 4.97 18.57 -10.39
N GLN A 142 4.57 17.30 -10.50
CA GLN A 142 5.50 16.20 -10.64
C GLN A 142 5.81 15.94 -12.10
N MET B 1 -23.47 9.33 8.52
CA MET B 1 -22.86 10.36 7.66
C MET B 1 -23.49 11.72 7.97
N ASN B 2 -22.71 12.81 7.90
CA ASN B 2 -23.31 14.17 7.97
C ASN B 2 -23.72 14.73 6.60
N TYR B 3 -22.84 14.56 5.62
CA TYR B 3 -23.03 15.11 4.27
C TYR B 3 -22.32 14.15 3.34
N PRO B 4 -22.75 14.12 2.06
CA PRO B 4 -22.06 13.21 1.16
C PRO B 4 -20.58 13.61 1.06
N VAL B 5 -19.68 12.65 0.93
CA VAL B 5 -18.26 12.95 0.77
C VAL B 5 -17.99 13.54 -0.59
N ASN B 6 -17.07 14.48 -0.68
CA ASN B 6 -16.59 14.96 -1.97
C ASN B 6 -16.13 13.76 -2.82
N PRO B 7 -16.72 13.55 -4.01
CA PRO B 7 -16.40 12.36 -4.82
C PRO B 7 -15.00 12.31 -5.38
N ASP B 8 -14.30 13.45 -5.36
CA ASP B 8 -12.91 13.48 -5.84
C ASP B 8 -11.86 13.21 -4.76
N LEU B 9 -12.28 13.12 -3.50
CA LEU B 9 -11.32 13.02 -2.42
C LEU B 9 -10.64 11.63 -2.35
N MET B 10 -11.41 10.56 -2.42
CA MET B 10 -10.78 9.25 -2.36
C MET B 10 -9.84 9.02 -3.54
N PRO B 11 -10.29 9.33 -4.78
CA PRO B 11 -9.31 9.24 -5.88
C PRO B 11 -8.07 10.15 -5.78
N ALA B 12 -8.23 11.39 -5.34
CA ALA B 12 -7.07 12.28 -5.17
C ALA B 12 -6.07 11.70 -4.15
N LEU B 13 -6.58 11.14 -3.06
CA LEU B 13 -5.72 10.49 -2.06
C LEU B 13 -5.06 9.26 -2.67
N MET B 14 -5.82 8.41 -3.36
CA MET B 14 -5.27 7.18 -3.96
CA MET B 14 -5.26 7.19 -3.93
C MET B 14 -4.18 7.52 -4.94
N ALA B 15 -4.40 8.59 -5.73
CA ALA B 15 -3.36 9.05 -6.69
C ALA B 15 -2.06 9.43 -6.04
N VAL B 16 -2.11 10.04 -4.86
CA VAL B 16 -0.89 10.39 -4.12
C VAL B 16 -0.22 9.11 -3.59
N PHE B 17 -1.02 8.20 -3.04
CA PHE B 17 -0.47 6.89 -2.62
C PHE B 17 0.17 6.15 -3.79
N GLN B 18 -0.50 6.18 -4.95
CA GLN B 18 0.02 5.59 -6.19
CA GLN B 18 0.06 5.56 -6.15
C GLN B 18 1.33 6.22 -6.62
N HIS B 19 1.34 7.55 -6.66
CA HIS B 19 2.57 8.24 -6.99
C HIS B 19 3.77 7.80 -6.13
N VAL B 20 3.56 7.72 -4.83
CA VAL B 20 4.64 7.42 -3.90
C VAL B 20 5.15 6.02 -4.19
N ARG B 21 4.25 5.09 -4.40
CA ARG B 21 4.71 3.70 -4.69
C ARG B 21 5.49 3.61 -6.01
N THR B 22 4.93 4.25 -7.01
CA THR B 22 5.48 4.21 -8.34
C THR B 22 6.86 4.83 -8.41
N ARG B 23 7.00 5.99 -7.78
CA ARG B 23 8.28 6.66 -7.74
C ARG B 23 9.35 5.89 -6.94
N ILE B 24 8.99 5.37 -5.78
CA ILE B 24 9.94 4.60 -5.00
C ILE B 24 10.36 3.41 -5.83
N GLN B 25 9.39 2.69 -6.38
CA GLN B 25 9.75 1.52 -7.16
C GLN B 25 10.65 1.83 -8.36
N SER B 26 10.34 2.91 -9.05
CA SER B 26 11.10 3.33 -10.21
C SER B 26 12.56 3.62 -9.83
N GLU B 27 12.75 4.32 -8.72
CA GLU B 27 14.10 4.66 -8.23
C GLU B 27 14.89 3.42 -7.89
N LEU B 28 14.27 2.51 -7.15
CA LEU B 28 14.87 1.21 -6.81
C LEU B 28 15.27 0.46 -8.08
N ASP B 29 14.39 0.47 -9.07
CA ASP B 29 14.64 -0.22 -10.33
C ASP B 29 15.73 0.47 -11.14
N CYS B 30 15.67 1.81 -11.25
CA CYS B 30 16.73 2.55 -11.97
C CYS B 30 18.13 2.32 -11.39
N GLN B 31 18.15 2.29 -10.08
CA GLN B 31 19.36 2.06 -9.29
C GLN B 31 19.81 0.58 -9.21
N ARG B 32 19.11 -0.33 -9.89
CA ARG B 32 19.52 -1.75 -10.00
C ARG B 32 19.50 -2.51 -8.72
N LEU B 33 18.63 -2.12 -7.80
CA LEU B 33 18.65 -2.72 -6.48
C LEU B 33 17.82 -4.01 -6.38
N ASP B 34 16.94 -4.26 -7.35
CA ASP B 34 16.14 -5.48 -7.33
CA ASP B 34 16.16 -5.48 -7.36
C ASP B 34 15.46 -5.66 -6.00
N LEU B 35 14.73 -4.63 -5.56
CA LEU B 35 13.99 -4.70 -4.30
C LEU B 35 12.51 -4.44 -4.58
N THR B 36 11.65 -5.15 -3.85
CA THR B 36 10.21 -5.03 -3.92
C THR B 36 9.74 -4.53 -2.55
N PRO B 37 8.47 -4.06 -2.47
CA PRO B 37 8.00 -3.66 -1.13
C PRO B 37 8.16 -4.73 -0.03
N PRO B 38 7.86 -5.99 -0.32
CA PRO B 38 8.15 -7.04 0.69
C PRO B 38 9.61 -7.11 1.17
N ASP B 39 10.56 -6.97 0.25
CA ASP B 39 11.98 -6.91 0.60
C ASP B 39 12.28 -5.78 1.56
N VAL B 40 11.79 -4.58 1.23
CA VAL B 40 12.00 -3.39 2.04
C VAL B 40 11.41 -3.57 3.43
N HIS B 41 10.22 -4.15 3.50
CA HIS B 41 9.56 -4.41 4.77
C HIS B 41 10.35 -5.38 5.63
N VAL B 42 10.84 -6.46 5.02
CA VAL B 42 11.62 -7.46 5.76
C VAL B 42 12.90 -6.84 6.32
N LEU B 43 13.63 -6.09 5.50
CA LEU B 43 14.85 -5.45 5.98
C LEU B 43 14.56 -4.52 7.15
N LYS B 44 13.46 -3.77 7.04
CA LYS B 44 13.08 -2.83 8.10
C LYS B 44 12.78 -3.52 9.44
N LEU B 45 12.04 -4.61 9.40
CA LEU B 45 11.74 -5.36 10.65
C LEU B 45 12.97 -5.96 11.29
N ILE B 46 13.88 -6.51 10.48
CA ILE B 46 15.10 -7.09 11.00
C ILE B 46 15.99 -6.01 11.61
N ASP B 47 16.04 -4.84 11.01
CA ASP B 47 16.82 -3.77 11.59
C ASP B 47 16.23 -3.25 12.89
N GLU B 48 14.90 -3.14 12.89
CA GLU B 48 14.17 -2.61 14.05
C GLU B 48 14.14 -3.56 15.23
N GLN B 49 14.17 -4.84 14.92
CA GLN B 49 14.16 -5.89 15.93
C GLN B 49 15.33 -6.84 15.74
N ARG B 50 16.55 -6.40 16.05
CA ARG B 50 17.76 -7.26 15.85
C ARG B 50 17.63 -8.61 16.52
N GLY B 51 18.05 -9.68 15.83
CA GLY B 51 17.88 -11.06 16.33
C GLY B 51 16.47 -11.64 16.24
N LEU B 52 15.63 -10.97 15.48
CA LEU B 52 14.25 -11.41 15.21
C LEU B 52 14.20 -12.89 14.91
N ASN B 53 13.28 -13.59 15.55
CA ASN B 53 13.01 -14.97 15.26
C ASN B 53 12.17 -15.08 13.99
N LEU B 54 12.32 -16.21 13.31
CA LEU B 54 11.60 -16.40 12.04
C LEU B 54 10.07 -16.34 12.20
N GLN B 55 9.56 -16.93 13.28
CA GLN B 55 8.12 -16.92 13.49
C GLN B 55 7.61 -15.54 13.84
N ASP B 56 8.46 -14.76 14.51
CA ASP B 56 8.06 -13.39 14.83
C ASP B 56 8.09 -12.50 13.58
N LEU B 57 9.01 -12.77 12.66
CA LEU B 57 8.95 -12.11 11.36
C LEU B 57 7.68 -12.50 10.61
N GLY B 58 7.39 -13.80 10.56
CA GLY B 58 6.15 -14.30 9.98
C GLY B 58 4.90 -13.57 10.46
N ARG B 59 4.84 -13.29 11.78
CA ARG B 59 3.67 -12.64 12.41
C ARG B 59 3.48 -11.20 11.95
N GLN B 60 4.58 -10.50 11.76
CA GLN B 60 4.57 -9.09 11.39
C GLN B 60 4.56 -8.87 9.87
N MET B 61 4.65 -9.96 9.10
CA MET B 61 4.50 -9.90 7.64
C MET B 61 3.07 -10.26 7.27
N ILE B 68 7.74 -17.07 3.77
CA ILE B 68 8.81 -16.27 4.36
C ILE B 68 10.18 -16.97 4.35
N THR B 69 10.21 -18.29 4.54
CA THR B 69 11.51 -19.03 4.55
C THR B 69 12.25 -18.88 3.20
N ARG B 70 11.49 -18.83 2.10
CA ARG B 70 12.02 -18.68 0.72
C ARG B 70 12.60 -17.28 0.54
N LYS B 71 11.87 -16.30 1.05
CA LYS B 71 12.30 -14.91 1.00
C LYS B 71 13.59 -14.72 1.81
N ILE B 72 13.67 -15.28 3.02
CA ILE B 72 14.92 -15.17 3.78
C ILE B 72 16.08 -15.85 3.05
N ARG B 73 15.79 -16.98 2.42
CA ARG B 73 16.82 -17.67 1.62
C ARG B 73 17.38 -16.74 0.52
N GLU B 74 16.51 -16.05 -0.20
CA GLU B 74 16.90 -15.08 -1.23
CA GLU B 74 16.93 -15.09 -1.23
C GLU B 74 17.76 -13.98 -0.63
N LEU B 75 17.26 -13.34 0.42
CA LEU B 75 17.99 -12.24 1.09
C LEU B 75 19.33 -12.64 1.67
N GLU B 76 19.42 -13.85 2.21
CA GLU B 76 20.70 -14.41 2.66
C GLU B 76 21.69 -14.61 1.49
N GLY B 77 21.19 -15.15 0.40
CA GLY B 77 22.04 -15.37 -0.81
C GLY B 77 22.58 -14.08 -1.40
N ARG B 78 21.79 -13.00 -1.32
CA ARG B 78 22.20 -11.66 -1.74
C ARG B 78 23.06 -10.91 -0.71
N ASN B 79 23.38 -11.58 0.40
CA ASN B 79 24.22 -11.00 1.46
C ASN B 79 23.58 -9.79 2.15
N LEU B 80 22.27 -9.78 2.24
CA LEU B 80 21.54 -8.72 2.93
C LEU B 80 21.14 -9.13 4.37
N VAL B 81 20.94 -10.42 4.56
CA VAL B 81 20.54 -10.96 5.85
C VAL B 81 21.50 -12.12 6.25
N ARG B 82 21.77 -12.23 7.56
CA ARG B 82 22.54 -13.35 8.09
C ARG B 82 21.66 -14.06 9.13
N ARG B 83 21.66 -15.37 9.06
CA ARG B 83 20.93 -16.21 10.03
C ARG B 83 21.94 -16.73 11.03
N GLU B 84 21.63 -16.64 12.32
CA GLU B 84 22.48 -17.23 13.36
C GLU B 84 21.64 -18.18 14.17
N ARG B 85 22.26 -19.25 14.67
CA ARG B 85 21.51 -20.19 15.49
C ARG B 85 21.06 -19.53 16.78
N ASN B 86 19.81 -19.82 17.13
CA ASN B 86 19.26 -19.47 18.41
C ASN B 86 20.12 -20.12 19.51
N PRO B 87 20.68 -19.31 20.43
CA PRO B 87 21.58 -19.86 21.49
C PRO B 87 20.97 -20.95 22.36
N SER B 88 19.65 -20.98 22.46
CA SER B 88 18.97 -21.98 23.29
C SER B 88 18.39 -23.14 22.47
N ASP B 89 18.15 -22.89 21.19
CA ASP B 89 17.55 -23.85 20.26
C ASP B 89 18.40 -23.95 19.01
N GLN B 90 19.23 -24.97 18.92
CA GLN B 90 20.18 -25.08 17.83
C GLN B 90 19.56 -25.39 16.46
N ARG B 91 18.28 -25.79 16.43
CA ARG B 91 17.61 -26.11 15.17
C ARG B 91 16.96 -24.92 14.51
N SER B 92 16.80 -23.82 15.25
CA SER B 92 16.21 -22.61 14.70
CA SER B 92 16.21 -22.61 14.70
C SER B 92 17.25 -21.52 14.56
N PHE B 93 16.89 -20.53 13.76
CA PHE B 93 17.76 -19.41 13.42
C PHE B 93 17.10 -18.07 13.72
N GLN B 94 17.86 -17.14 14.30
CA GLN B 94 17.51 -15.74 14.39
C GLN B 94 18.12 -14.86 13.23
N LEU B 95 17.51 -13.70 12.97
CA LEU B 95 17.85 -12.89 11.78
C LEU B 95 18.55 -11.55 12.10
N PHE B 96 19.55 -11.24 11.29
CA PHE B 96 20.39 -10.06 11.47
C PHE B 96 20.63 -9.47 10.08
N LEU B 97 20.73 -8.14 9.97
CA LEU B 97 21.23 -7.58 8.70
C LEU B 97 22.73 -7.62 8.70
N THR B 98 23.30 -7.95 7.53
CA THR B 98 24.69 -7.78 7.27
C THR B 98 25.00 -6.28 7.18
N ASP B 99 26.29 -5.94 7.14
CA ASP B 99 26.69 -4.57 6.84
C ASP B 99 26.05 -4.05 5.53
N GLU B 100 26.10 -4.86 4.48
CA GLU B 100 25.46 -4.54 3.19
C GLU B 100 23.94 -4.38 3.29
N GLY B 101 23.28 -5.25 4.06
CA GLY B 101 21.83 -5.18 4.20
C GLY B 101 21.39 -3.94 4.96
N LEU B 102 22.13 -3.58 6.01
CA LEU B 102 21.89 -2.35 6.72
C LEU B 102 22.05 -1.13 5.82
N ALA B 103 23.12 -1.12 5.04
CA ALA B 103 23.37 -0.01 4.11
C ALA B 103 22.24 0.12 3.13
N ILE B 104 21.72 -1.01 2.63
CA ILE B 104 20.62 -0.99 1.66
C ILE B 104 19.30 -0.56 2.28
N HIS B 105 19.00 -1.06 3.47
CA HIS B 105 17.82 -0.60 4.22
C HIS B 105 17.84 0.92 4.43
N LEU B 106 18.97 1.46 4.88
CA LEU B 106 19.07 2.89 5.11
C LEU B 106 19.01 3.69 3.80
N HIS B 107 19.57 3.13 2.74
CA HIS B 107 19.46 3.76 1.42
C HIS B 107 18.02 3.78 0.95
N ALA B 108 17.33 2.65 1.10
CA ALA B 108 15.91 2.60 0.75
C ALA B 108 15.09 3.66 1.50
N GLU B 109 15.38 3.84 2.78
CA GLU B 109 14.73 4.89 3.58
C GLU B 109 14.98 6.30 3.05
N LEU B 110 16.22 6.58 2.66
CA LEU B 110 16.54 7.87 2.04
C LEU B 110 15.81 8.06 0.73
N ILE B 111 15.71 6.99 -0.08
CA ILE B 111 14.89 7.07 -1.31
C ILE B 111 13.45 7.46 -0.97
N MET B 112 12.87 6.81 0.04
CA MET B 112 11.49 7.08 0.39
CA MET B 112 11.46 7.07 0.42
C MET B 112 11.30 8.51 0.86
N SER B 113 12.23 9.02 1.66
CA SER B 113 12.11 10.38 2.14
CA SER B 113 12.18 10.40 2.16
C SER B 113 12.30 11.41 1.02
N ARG B 114 13.22 11.17 0.09
CA ARG B 114 13.38 12.02 -1.08
C ARG B 114 12.13 12.08 -1.95
N VAL B 115 11.49 10.93 -2.17
CA VAL B 115 10.27 10.90 -2.94
C VAL B 115 9.18 11.77 -2.30
N HIS B 116 9.06 11.67 -0.99
CA HIS B 116 8.12 12.53 -0.26
C HIS B 116 8.50 13.99 -0.34
N ASP B 117 9.76 14.31 -0.10
CA ASP B 117 10.21 15.68 -0.25
C ASP B 117 9.86 16.24 -1.63
N GLU B 118 10.12 15.48 -2.70
CA GLU B 118 9.83 15.95 -4.05
C GLU B 118 8.32 16.12 -4.29
N LEU B 119 7.52 15.26 -3.63
CA LEU B 119 6.06 15.35 -3.68
C LEU B 119 5.57 16.64 -3.05
N PHE B 120 6.11 17.00 -1.87
CA PHE B 120 5.57 18.09 -1.09
C PHE B 120 6.17 19.44 -1.38
N ALA B 121 7.43 19.47 -1.83
CA ALA B 121 8.16 20.73 -2.08
C ALA B 121 7.46 21.78 -2.97
N PRO B 122 6.57 21.37 -3.91
CA PRO B 122 5.84 22.36 -4.72
C PRO B 122 4.83 23.21 -3.92
N LEU B 123 4.46 22.74 -2.71
CA LEU B 123 3.56 23.47 -1.83
C LEU B 123 4.29 24.51 -1.02
N THR B 124 3.67 25.68 -0.84
CA THR B 124 4.24 26.69 0.05
C THR B 124 4.24 26.16 1.48
N PRO B 125 5.08 26.74 2.36
CA PRO B 125 4.97 26.32 3.75
C PRO B 125 3.58 26.44 4.37
N VAL B 126 2.82 27.49 4.08
CA VAL B 126 1.43 27.59 4.56
CA VAL B 126 1.45 27.57 4.59
C VAL B 126 0.59 26.44 4.03
N GLU B 127 0.74 26.14 2.73
CA GLU B 127 0.00 25.03 2.12
C GLU B 127 0.37 23.70 2.77
N GLN B 128 1.65 23.48 3.01
CA GLN B 128 2.08 22.21 3.57
C GLN B 128 1.51 22.06 4.97
N ALA B 129 1.53 23.14 5.76
CA ALA B 129 1.00 23.07 7.14
C ALA B 129 -0.52 22.78 7.12
N THR B 130 -1.24 23.35 6.14
CA THR B 130 -2.67 23.12 6.00
C THR B 130 -2.91 21.65 5.68
N LEU B 131 -2.09 21.13 4.78
CA LEU B 131 -2.21 19.71 4.42
C LEU B 131 -1.96 18.80 5.62
N VAL B 132 -0.96 19.11 6.45
CA VAL B 132 -0.71 18.32 7.65
C VAL B 132 -1.96 18.32 8.52
N HIS B 133 -2.53 19.50 8.72
CA HIS B 133 -3.69 19.64 9.57
CA HIS B 133 -3.72 19.65 9.58
C HIS B 133 -4.88 18.82 9.08
N LEU B 134 -5.11 18.84 7.78
CA LEU B 134 -6.25 18.13 7.21
C LEU B 134 -6.06 16.63 7.28
N LEU B 135 -4.85 16.17 6.98
CA LEU B 135 -4.54 14.72 7.11
C LEU B 135 -4.67 14.25 8.55
N ASP B 136 -4.15 15.05 9.47
CA ASP B 136 -4.26 14.74 10.90
C ASP B 136 -5.74 14.73 11.37
N GLN B 137 -6.56 15.63 10.84
CA GLN B 137 -8.00 15.73 11.15
CA GLN B 137 -7.98 15.71 11.19
C GLN B 137 -8.75 14.45 10.77
N CYS B 138 -8.35 13.84 9.64
CA CYS B 138 -8.91 12.55 9.27
C CYS B 138 -8.73 11.48 10.35
N LEU B 139 -7.61 11.52 11.05
CA LEU B 139 -7.29 10.44 12.01
C LEU B 139 -7.69 10.80 13.42
N ALA B 140 -7.47 12.06 13.78
CA ALA B 140 -7.74 12.53 15.14
C ALA B 140 -9.17 12.17 15.51
N ALA B 141 -10.07 12.39 14.55
CA ALA B 141 -11.44 11.93 14.67
C ALA B 141 -11.54 10.55 14.05
N ARG C 2 -9.23 14.32 -19.62
CA ARG C 2 -8.14 13.30 -19.69
C ARG C 2 -6.79 13.96 -19.39
N ASP C 3 -6.79 14.95 -18.49
CA ASP C 3 -5.55 15.65 -18.16
C ASP C 3 -4.71 14.79 -17.19
N TYR C 4 -3.53 15.26 -16.85
CA TYR C 4 -2.59 14.45 -16.09
C TYR C 4 -3.17 13.93 -14.79
N THR C 5 -3.56 14.83 -13.89
CA THR C 5 -4.07 14.39 -12.58
C THR C 5 -5.41 13.65 -12.69
N GLU C 6 -6.27 14.04 -13.63
CA GLU C 6 -7.48 13.26 -13.94
C GLU C 6 -7.15 11.79 -14.23
N GLN C 7 -6.15 11.55 -15.08
CA GLN C 7 -5.79 10.18 -15.45
C GLN C 7 -5.22 9.42 -14.26
N LEU C 8 -4.37 10.09 -13.51
CA LEU C 8 -3.76 9.47 -12.31
C LEU C 8 -4.79 9.07 -11.27
N ARG C 9 -5.76 9.95 -11.03
CA ARG C 9 -6.87 9.68 -10.10
C ARG C 9 -7.66 8.43 -10.53
N ARG C 10 -7.99 8.36 -11.81
CA ARG C 10 -8.72 7.20 -12.34
CA ARG C 10 -8.72 7.21 -12.35
C ARG C 10 -7.93 5.92 -12.21
N ALA C 11 -6.66 5.96 -12.61
CA ALA C 11 -5.79 4.78 -12.51
C ALA C 11 -5.62 4.36 -11.07
N ALA C 12 -5.43 5.33 -10.18
CA ALA C 12 -5.18 5.00 -8.77
C ALA C 12 -6.41 4.40 -8.10
N ARG C 13 -7.57 4.95 -8.42
CA ARG C 13 -8.84 4.44 -7.89
C ARG C 13 -9.02 3.00 -8.31
N ARG C 14 -8.70 2.72 -9.58
CA ARG C 14 -8.80 1.37 -10.15
C ARG C 14 -7.89 0.38 -9.42
N ASN C 15 -6.72 0.86 -8.99
CA ASN C 15 -5.68 0.03 -8.38
C ASN C 15 -5.75 0.04 -6.85
N ALA C 16 -6.86 0.51 -6.29
CA ALA C 16 -6.96 0.70 -4.83
C ALA C 16 -6.60 -0.56 -4.03
N TRP C 17 -7.09 -1.71 -4.46
CA TRP C 17 -6.81 -2.96 -3.71
C TRP C 17 -5.36 -3.32 -3.83
N ASP C 18 -4.79 -3.11 -5.01
CA ASP C 18 -3.39 -3.42 -5.15
C ASP C 18 -2.54 -2.50 -4.26
N LEU C 19 -2.93 -1.23 -4.21
CA LEU C 19 -2.17 -0.20 -3.48
C LEU C 19 -2.21 -0.43 -1.98
N TYR C 20 -3.39 -0.75 -1.45
CA TYR C 20 -3.45 -1.14 -0.07
C TYR C 20 -2.85 -2.52 0.18
N GLY C 21 -2.86 -3.41 -0.81
CA GLY C 21 -2.30 -4.75 -0.64
C GLY C 21 -0.78 -4.83 -0.61
N GLU C 22 -0.12 -3.91 -1.31
CA GLU C 22 1.34 -3.87 -1.38
C GLU C 22 1.83 -2.44 -1.55
N HIS C 23 2.56 -1.97 -0.55
CA HIS C 23 3.12 -0.63 -0.55
C HIS C 23 4.38 -0.60 0.30
N PHE C 24 5.17 0.46 0.18
CA PHE C 24 6.37 0.65 0.97
C PHE C 24 6.06 1.13 2.37
N TYR C 25 4.91 1.76 2.54
CA TYR C 25 4.34 2.09 3.85
C TYR C 25 4.03 0.84 4.68
#